data_5FGC
#
_entry.id   5FGC
#
_cell.length_a   66.050
_cell.length_b   49.570
_cell.length_c   66.390
_cell.angle_alpha   90.00
_cell.angle_beta   98.50
_cell.angle_gamma   90.00
#
_symmetry.space_group_name_H-M   'P 1 2 1'
#
loop_
_entity.id
_entity.type
_entity.pdbx_description
1 polymer 'Genome polyprotein'
2 polymer 'Anti-HCV E2 Fab HC33.8 light chain'
3 polymer 'Anti-HCV E2 Fab HC33.8 heavy chain'
4 water water
#
loop_
_entity_poly.entity_id
_entity_poly.type
_entity_poly.pdbx_seq_one_letter_code
_entity_poly.pdbx_strand_id
1 'polypeptide(L)' PGAKQNIQLINTNGSWHINST A
2 'polypeptide(L)'
;RSSYELTQPPSVSVSPGQAATITCSGDKLGDKYVSWYQQRPGQSPLLVVYQDNKRPSGIPERISGSNSGNTATLTIRGTR
AMDEADYYCQAWDSSTDVVFGGGTKLTVLRTVAAPSVFIFPPSDEQLKSGTASVVCLLNNFYPREAKVQWKVDNALQSGN
SQESVTEQDSKDSTYSLSSTLTLSKADYEKHKVYACEVTHQGLSSPVTKSFNRGEC
;
B
3 'polypeptide(L)'
;EVQLVESGGGLAQPGESLRLSCAASGFNFYTYAMTWVRQAPGKGLEWVSASSSTDGTTYYADSVKGRFTISRDNSKNILY
LQMNSLKAEDTATYYCARAVVFTDSSAYYYSKYFDYWSQGTLVTVSSASTKGPSVFPLAPSSKSTSGGTAALGCLVKDYF
PEPVTVSWNSGALTSGVHTFPAVLQSSGLYSLSSVVTVPSSSLGTQTYICNVNHKPSNTKVDKKAEPKSCDKLEDDDDKA
GWSHPQFEKGGGSGGGSGGGSWSHPQFEK
;
E
#
# COMPACT_ATOMS: atom_id res chain seq x y z
N ASN A 11 -21.40 23.78 -11.62
CA ASN A 11 -20.84 23.58 -10.28
C ASN A 11 -21.04 24.78 -9.34
N THR A 12 -20.77 24.58 -8.03
CA THR A 12 -20.85 25.64 -7.01
C THR A 12 -19.66 26.64 -7.20
N ASN A 13 -18.86 26.44 -8.29
CA ASN A 13 -17.67 27.20 -8.71
C ASN A 13 -16.51 27.21 -7.70
N GLY A 14 -16.49 26.21 -6.83
CA GLY A 14 -15.47 26.05 -5.81
C GLY A 14 -15.96 26.17 -4.37
N SER A 15 -17.27 26.42 -4.17
CA SER A 15 -17.87 26.48 -2.83
C SER A 15 -18.12 25.06 -2.31
N TRP A 16 -17.53 24.73 -1.15
CA TRP A 16 -17.68 23.38 -0.58
C TRP A 16 -19.11 23.12 -0.03
N HIS A 17 -19.70 24.14 0.62
CA HIS A 17 -21.03 24.12 1.22
C HIS A 17 -21.72 25.47 0.98
N ILE A 18 -23.05 25.45 0.83
CA ILE A 18 -23.88 26.65 0.66
C ILE A 18 -24.97 26.58 1.74
N ASN A 19 -25.21 27.73 2.44
CA ASN A 19 -26.12 27.99 3.58
C ASN A 19 -25.38 28.03 4.92
N SER B 3 -22.60 9.98 11.95
CA SER B 3 -23.30 8.75 12.28
C SER B 3 -23.76 7.99 11.02
N TYR B 4 -23.97 8.71 9.89
CA TYR B 4 -24.35 8.10 8.62
C TYR B 4 -23.21 7.19 8.13
N GLU B 5 -23.57 5.97 7.70
CA GLU B 5 -22.61 4.97 7.25
C GLU B 5 -22.87 4.42 5.86
N LEU B 6 -21.80 4.18 5.10
CA LEU B 6 -21.83 3.53 3.80
C LEU B 6 -21.26 2.13 4.01
N THR B 7 -21.99 1.08 3.53
CA THR B 7 -21.65 -0.33 3.73
C THR B 7 -21.21 -1.05 2.45
N GLN B 8 -20.02 -1.64 2.50
CA GLN B 8 -19.43 -2.39 1.39
C GLN B 8 -19.05 -3.79 1.87
N PRO B 9 -19.17 -4.85 1.02
CA PRO B 9 -18.69 -6.17 1.43
C PRO B 9 -17.16 -6.12 1.56
N PRO B 10 -16.52 -6.74 2.58
CA PRO B 10 -15.06 -6.57 2.72
C PRO B 10 -14.23 -7.19 1.59
N SER B 11 -14.82 -8.16 0.86
CA SER B 11 -14.15 -8.81 -0.26
C SER B 11 -15.16 -9.28 -1.30
N VAL B 12 -14.74 -9.29 -2.59
CA VAL B 12 -15.47 -9.76 -3.78
C VAL B 12 -14.49 -10.57 -4.67
N SER B 13 -14.88 -11.79 -5.06
CA SER B 13 -14.09 -12.66 -5.93
C SER B 13 -14.76 -12.85 -7.30
N VAL B 14 -13.96 -12.82 -8.37
CA VAL B 14 -14.48 -12.96 -9.74
C VAL B 14 -13.47 -13.65 -10.68
N SER B 15 -13.99 -14.52 -11.57
CA SER B 15 -13.23 -15.26 -12.58
C SER B 15 -12.86 -14.31 -13.73
N PRO B 16 -11.72 -14.45 -14.44
CA PRO B 16 -11.42 -13.52 -15.53
C PRO B 16 -12.42 -13.64 -16.67
N GLY B 17 -12.77 -12.51 -17.27
CA GLY B 17 -13.77 -12.46 -18.32
C GLY B 17 -15.20 -12.35 -17.79
N GLN B 18 -15.38 -12.49 -16.46
CA GLN B 18 -16.69 -12.36 -15.80
C GLN B 18 -16.88 -10.94 -15.31
N ALA B 19 -18.14 -10.57 -14.94
CA ALA B 19 -18.42 -9.23 -14.41
C ALA B 19 -18.46 -9.24 -12.88
N ALA B 20 -17.64 -8.39 -12.25
CA ALA B 20 -17.63 -8.24 -10.80
C ALA B 20 -18.63 -7.15 -10.44
N THR B 21 -19.40 -7.35 -9.35
CA THR B 21 -20.38 -6.41 -8.84
C THR B 21 -20.08 -6.03 -7.38
N ILE B 22 -19.66 -4.77 -7.17
CA ILE B 22 -19.40 -4.22 -5.83
C ILE B 22 -20.60 -3.37 -5.37
N THR B 23 -21.23 -3.76 -4.24
CA THR B 23 -22.38 -3.10 -3.65
C THR B 23 -21.97 -2.04 -2.63
N CYS B 24 -22.77 -0.99 -2.54
CA CYS B 24 -22.56 0.07 -1.56
C CYS B 24 -23.93 0.37 -0.96
N SER B 25 -24.05 0.25 0.38
CA SER B 25 -25.34 0.46 1.04
C SER B 25 -25.43 1.51 2.11
N GLY B 26 -26.54 2.25 2.07
CA GLY B 26 -26.86 3.31 3.01
C GLY B 26 -28.32 3.68 2.95
N ASP B 27 -28.89 4.10 4.10
CA ASP B 27 -30.29 4.51 4.22
C ASP B 27 -30.53 5.73 3.32
N LYS B 28 -31.63 5.71 2.54
CA LYS B 28 -32.05 6.77 1.60
C LYS B 28 -31.00 7.15 0.54
N LEU B 29 -30.25 6.14 0.04
CA LEU B 29 -29.20 6.30 -0.96
C LEU B 29 -29.68 6.82 -2.34
N GLY B 30 -30.98 6.72 -2.61
CA GLY B 30 -31.61 7.17 -3.85
C GLY B 30 -31.31 8.60 -4.26
N ASP B 31 -31.45 9.55 -3.33
CA ASP B 31 -31.18 10.97 -3.61
C ASP B 31 -29.71 11.39 -3.47
N LYS B 32 -28.82 10.46 -3.05
CA LYS B 32 -27.40 10.76 -2.89
C LYS B 32 -26.60 10.44 -4.15
N TYR B 33 -25.53 11.22 -4.39
CA TYR B 33 -24.67 11.00 -5.56
C TYR B 33 -23.41 10.24 -5.18
N VAL B 34 -23.29 9.03 -5.74
CA VAL B 34 -22.22 8.09 -5.47
C VAL B 34 -21.09 8.14 -6.49
N SER B 35 -19.89 8.28 -5.98
CA SER B 35 -18.70 8.23 -6.79
C SER B 35 -17.88 7.00 -6.38
N TRP B 36 -17.07 6.48 -7.30
CA TRP B 36 -16.28 5.29 -7.01
C TRP B 36 -14.80 5.56 -7.27
N TYR B 37 -13.94 4.95 -6.44
CA TYR B 37 -12.47 5.07 -6.51
C TYR B 37 -11.82 3.72 -6.57
N GLN B 38 -10.85 3.59 -7.46
CA GLN B 38 -10.05 2.37 -7.61
C GLN B 38 -8.74 2.67 -6.96
N GLN B 39 -8.37 1.82 -6.03
CA GLN B 39 -7.07 1.96 -5.38
C GLN B 39 -6.29 0.69 -5.50
N ARG B 40 -5.34 0.68 -6.45
CA ARG B 40 -4.39 -0.40 -6.73
C ARG B 40 -3.28 -0.33 -5.66
N PRO B 41 -2.67 -1.49 -5.28
CA PRO B 41 -1.61 -1.49 -4.24
C PRO B 41 -0.50 -0.41 -4.38
N GLY B 42 -0.16 0.24 -3.26
CA GLY B 42 0.82 1.32 -3.20
C GLY B 42 0.52 2.59 -4.00
N GLN B 43 -0.71 2.70 -4.53
CA GLN B 43 -1.06 3.86 -5.33
C GLN B 43 -2.16 4.74 -4.70
N SER B 44 -2.28 5.96 -5.23
CA SER B 44 -3.31 6.93 -4.85
C SER B 44 -4.64 6.41 -5.37
N PRO B 45 -5.78 6.77 -4.73
CA PRO B 45 -7.08 6.39 -5.30
C PRO B 45 -7.31 7.11 -6.64
N LEU B 46 -8.02 6.44 -7.54
CA LEU B 46 -8.33 6.96 -8.86
C LEU B 46 -9.83 6.94 -9.05
N LEU B 47 -10.40 8.07 -9.47
CA LEU B 47 -11.82 8.26 -9.76
C LEU B 47 -12.22 7.42 -10.98
N VAL B 48 -13.10 6.45 -10.78
CA VAL B 48 -13.57 5.58 -11.85
C VAL B 48 -15.03 5.83 -12.24
N VAL B 49 -15.82 6.36 -11.29
CA VAL B 49 -17.25 6.72 -11.48
C VAL B 49 -17.51 8.00 -10.70
N TYR B 50 -18.31 8.92 -11.24
CA TYR B 50 -18.74 10.12 -10.54
C TYR B 50 -20.22 10.36 -10.84
N GLN B 51 -20.97 10.92 -9.87
CA GLN B 51 -22.41 11.20 -9.96
C GLN B 51 -23.22 9.97 -10.39
N ASP B 52 -23.07 8.88 -9.59
CA ASP B 52 -23.75 7.59 -9.78
C ASP B 52 -23.28 6.76 -10.97
N ASN B 53 -23.24 7.34 -12.20
CA ASN B 53 -22.96 6.61 -13.43
C ASN B 53 -22.05 7.28 -14.49
N LYS B 54 -21.53 8.48 -14.23
CA LYS B 54 -20.67 9.15 -15.21
C LYS B 54 -19.24 8.60 -15.20
N ARG B 55 -18.62 8.49 -16.38
CA ARG B 55 -17.28 7.94 -16.54
C ARG B 55 -16.22 8.99 -16.92
N PRO B 56 -15.12 9.12 -16.12
CA PRO B 56 -14.05 10.07 -16.49
C PRO B 56 -13.29 9.64 -17.74
N SER B 57 -12.61 10.60 -18.38
CA SER B 57 -11.81 10.31 -19.58
C SER B 57 -10.47 9.73 -19.15
N GLY B 58 -10.18 8.54 -19.65
CA GLY B 58 -8.99 7.76 -19.33
C GLY B 58 -9.36 6.41 -18.76
N ILE B 59 -10.59 6.32 -18.20
CA ILE B 59 -11.20 5.12 -17.61
C ILE B 59 -11.80 4.24 -18.73
N PRO B 60 -11.47 2.92 -18.78
CA PRO B 60 -12.02 2.08 -19.87
C PRO B 60 -13.56 1.96 -19.82
N GLU B 61 -14.18 1.66 -21.00
CA GLU B 61 -15.63 1.48 -21.13
C GLU B 61 -16.20 0.36 -20.26
N ARG B 62 -15.34 -0.62 -19.91
CA ARG B 62 -15.62 -1.79 -19.05
C ARG B 62 -16.09 -1.38 -17.66
N ILE B 63 -15.59 -0.25 -17.12
CA ILE B 63 -15.96 0.26 -15.80
C ILE B 63 -17.10 1.27 -15.92
N SER B 64 -18.21 0.97 -15.26
CA SER B 64 -19.39 1.81 -15.25
C SER B 64 -20.08 1.72 -13.90
N GLY B 65 -20.77 2.80 -13.53
CA GLY B 65 -21.47 2.86 -12.26
C GLY B 65 -22.97 2.84 -12.43
N SER B 66 -23.69 2.61 -11.30
CA SER B 66 -25.14 2.58 -11.20
C SER B 66 -25.59 2.80 -9.73
N ASN B 67 -26.80 3.38 -9.54
CA ASN B 67 -27.42 3.66 -8.24
C ASN B 67 -28.93 3.55 -8.39
N SER B 68 -29.51 2.46 -7.87
CA SER B 68 -30.95 2.17 -7.92
C SER B 68 -31.44 1.72 -6.55
N GLY B 69 -32.34 2.52 -5.98
CA GLY B 69 -32.90 2.26 -4.66
C GLY B 69 -31.92 2.65 -3.57
N ASN B 70 -31.63 1.72 -2.64
CA ASN B 70 -30.70 1.95 -1.52
C ASN B 70 -29.34 1.27 -1.68
N THR B 71 -29.00 0.81 -2.90
CA THR B 71 -27.72 0.18 -3.19
C THR B 71 -27.06 0.73 -4.46
N ALA B 72 -25.84 1.26 -4.28
CA ALA B 72 -24.99 1.75 -5.36
C ALA B 72 -24.17 0.56 -5.85
N THR B 73 -23.93 0.52 -7.16
CA THR B 73 -23.25 -0.61 -7.79
C THR B 73 -22.11 -0.24 -8.73
N LEU B 74 -20.95 -0.86 -8.51
CA LEU B 74 -19.82 -0.74 -9.41
C LEU B 74 -19.69 -2.09 -10.11
N THR B 75 -19.69 -2.07 -11.43
CA THR B 75 -19.57 -3.26 -12.25
C THR B 75 -18.41 -3.13 -13.23
N ILE B 76 -17.57 -4.17 -13.28
CA ILE B 76 -16.41 -4.21 -14.16
C ILE B 76 -16.62 -5.35 -15.16
N ARG B 77 -16.87 -4.99 -16.43
CA ARG B 77 -17.08 -5.92 -17.54
C ARG B 77 -15.76 -6.61 -17.90
N GLY B 78 -15.80 -7.94 -18.04
CA GLY B 78 -14.67 -8.78 -18.42
C GLY B 78 -13.43 -8.54 -17.58
N THR B 79 -13.50 -8.90 -16.30
CA THR B 79 -12.44 -8.71 -15.34
C THR B 79 -11.13 -9.31 -15.79
N ARG B 80 -10.07 -8.52 -15.71
CA ARG B 80 -8.71 -8.95 -16.00
C ARG B 80 -7.89 -8.89 -14.73
N ALA B 81 -6.72 -9.52 -14.73
CA ALA B 81 -5.83 -9.57 -13.58
C ALA B 81 -5.48 -8.17 -13.02
N MET B 82 -5.23 -7.18 -13.91
CA MET B 82 -4.90 -5.80 -13.49
C MET B 82 -6.06 -5.09 -12.75
N ASP B 83 -7.25 -5.70 -12.70
CA ASP B 83 -8.40 -5.10 -12.01
C ASP B 83 -8.39 -5.35 -10.50
N GLU B 84 -7.49 -6.23 -10.01
CA GLU B 84 -7.34 -6.48 -8.56
C GLU B 84 -6.98 -5.15 -7.91
N ALA B 85 -7.85 -4.70 -7.00
CA ALA B 85 -7.70 -3.40 -6.33
C ALA B 85 -8.72 -3.31 -5.20
N ASP B 86 -8.57 -2.24 -4.38
CA ASP B 86 -9.54 -1.91 -3.34
C ASP B 86 -10.47 -0.87 -3.98
N TYR B 87 -11.77 -1.05 -3.83
CA TYR B 87 -12.75 -0.13 -4.42
C TYR B 87 -13.57 0.53 -3.34
N TYR B 88 -13.67 1.85 -3.41
CA TYR B 88 -14.37 2.68 -2.42
C TYR B 88 -15.51 3.44 -3.03
N CYS B 89 -16.68 3.37 -2.37
CA CYS B 89 -17.84 4.16 -2.76
C CYS B 89 -17.81 5.38 -1.85
N GLN B 90 -18.36 6.49 -2.33
CA GLN B 90 -18.32 7.73 -1.58
C GLN B 90 -19.55 8.56 -1.89
N ALA B 91 -20.13 9.17 -0.84
CA ALA B 91 -21.30 10.04 -0.92
C ALA B 91 -21.17 11.25 0.04
N TRP B 92 -22.29 11.92 0.32
CA TRP B 92 -22.36 13.06 1.22
C TRP B 92 -23.59 12.94 2.12
N ASP B 93 -23.47 13.38 3.39
CA ASP B 93 -24.59 13.45 4.34
C ASP B 93 -24.44 14.65 5.29
N SER B 94 -25.57 15.27 5.71
CA SER B 94 -25.54 16.42 6.63
C SER B 94 -24.77 16.13 7.93
N SER B 95 -24.86 14.88 8.43
CA SER B 95 -24.23 14.41 9.66
C SER B 95 -22.73 14.15 9.57
N THR B 96 -22.21 13.81 8.38
CA THR B 96 -20.79 13.43 8.20
C THR B 96 -20.02 14.27 7.19
N ASP B 97 -20.74 15.05 6.31
CA ASP B 97 -20.21 15.74 5.12
C ASP B 97 -19.79 14.56 4.19
N VAL B 98 -18.55 14.56 3.60
CA VAL B 98 -18.06 13.46 2.75
C VAL B 98 -17.91 12.19 3.60
N VAL B 99 -18.61 11.13 3.19
CA VAL B 99 -18.63 9.81 3.82
C VAL B 99 -18.13 8.76 2.80
N PHE B 100 -17.25 7.84 3.25
CA PHE B 100 -16.73 6.73 2.42
C PHE B 100 -17.22 5.40 2.96
N GLY B 101 -17.35 4.45 2.04
CA GLY B 101 -17.56 3.06 2.35
C GLY B 101 -16.25 2.51 2.89
N GLY B 102 -16.33 1.40 3.60
CA GLY B 102 -15.18 0.73 4.20
C GLY B 102 -14.18 0.16 3.21
N GLY B 103 -14.60 0.04 1.95
CA GLY B 103 -13.78 -0.52 0.90
C GLY B 103 -14.09 -1.98 0.63
N THR B 104 -13.78 -2.44 -0.59
CA THR B 104 -13.98 -3.83 -1.03
C THR B 104 -12.76 -4.27 -1.83
N LYS B 105 -12.08 -5.35 -1.39
CA LYS B 105 -10.95 -5.88 -2.14
C LYS B 105 -11.47 -6.80 -3.22
N LEU B 106 -11.02 -6.56 -4.47
CA LEU B 106 -11.38 -7.41 -5.60
C LEU B 106 -10.27 -8.46 -5.83
N THR B 107 -10.63 -9.74 -5.65
CA THR B 107 -9.76 -10.92 -5.86
C THR B 107 -10.12 -11.52 -7.21
N VAL B 108 -9.09 -11.91 -7.97
CA VAL B 108 -9.25 -12.56 -9.27
C VAL B 108 -9.07 -14.06 -9.09
N LEU B 109 -10.10 -14.82 -9.45
CA LEU B 109 -10.11 -16.28 -9.31
C LEU B 109 -9.38 -16.95 -10.47
N ARG B 110 -8.23 -17.51 -10.17
CA ARG B 110 -7.44 -18.26 -11.15
C ARG B 110 -7.30 -19.73 -10.74
N THR B 111 -6.60 -20.54 -11.55
CA THR B 111 -6.36 -21.96 -11.26
C THR B 111 -5.29 -22.08 -10.15
N VAL B 112 -5.28 -23.24 -9.46
CA VAL B 112 -4.29 -23.52 -8.41
C VAL B 112 -2.86 -23.51 -9.03
N ALA B 113 -1.93 -22.91 -8.31
CA ALA B 113 -0.52 -22.78 -8.67
C ALA B 113 0.28 -23.08 -7.41
N ALA B 114 1.14 -24.08 -7.50
CA ALA B 114 2.05 -24.51 -6.45
C ALA B 114 3.16 -23.48 -6.32
N PRO B 115 3.63 -23.17 -5.11
CA PRO B 115 4.76 -22.24 -5.00
C PRO B 115 6.12 -22.88 -5.37
N SER B 116 7.04 -22.05 -5.86
CA SER B 116 8.46 -22.40 -6.09
C SER B 116 9.12 -21.93 -4.77
N VAL B 117 9.98 -22.76 -4.14
CA VAL B 117 10.52 -22.47 -2.80
C VAL B 117 12.02 -22.22 -2.85
N PHE B 118 12.47 -21.21 -2.08
CA PHE B 118 13.89 -20.85 -2.04
C PHE B 118 14.25 -20.50 -0.61
N ILE B 119 15.45 -20.89 -0.20
CA ILE B 119 15.98 -20.57 1.13
C ILE B 119 17.28 -19.78 0.97
N PHE B 120 17.47 -18.77 1.84
CA PHE B 120 18.65 -17.89 1.84
C PHE B 120 19.29 -17.93 3.21
N PRO B 121 20.56 -18.34 3.27
CA PRO B 121 21.27 -18.22 4.55
C PRO B 121 21.48 -16.73 4.92
N PRO B 122 21.80 -16.42 6.20
CA PRO B 122 22.22 -15.05 6.54
C PRO B 122 23.56 -14.75 5.88
N SER B 123 23.80 -13.49 5.56
CA SER B 123 25.07 -13.06 4.99
C SER B 123 26.12 -13.04 6.08
N ASP B 124 27.39 -13.29 5.72
CA ASP B 124 28.52 -13.21 6.64
C ASP B 124 28.60 -11.78 7.21
N GLU B 125 28.21 -10.77 6.41
CA GLU B 125 28.17 -9.35 6.81
C GLU B 125 27.25 -9.10 8.01
N GLN B 126 25.98 -9.57 7.95
CA GLN B 126 25.00 -9.43 9.03
C GLN B 126 25.52 -10.17 10.24
N LEU B 127 26.17 -11.32 10.03
CA LEU B 127 26.68 -12.08 11.14
C LEU B 127 27.64 -11.29 12.08
N LYS B 128 28.30 -10.22 11.56
CA LYS B 128 29.19 -9.39 12.40
C LYS B 128 28.39 -8.54 13.42
N SER B 129 27.11 -8.23 13.12
CA SER B 129 26.17 -7.45 13.93
C SER B 129 25.63 -8.20 15.17
N GLY B 130 25.82 -9.52 15.21
CA GLY B 130 25.34 -10.35 16.30
C GLY B 130 23.98 -10.99 16.13
N THR B 131 23.39 -10.87 14.92
CA THR B 131 22.08 -11.50 14.60
C THR B 131 22.16 -12.17 13.25
N ALA B 132 21.33 -13.21 13.06
CA ALA B 132 21.23 -13.97 11.84
C ALA B 132 19.77 -14.03 11.37
N SER B 133 19.52 -13.60 10.12
CA SER B 133 18.21 -13.68 9.52
C SER B 133 18.22 -14.75 8.43
N VAL B 134 17.32 -15.73 8.54
CA VAL B 134 17.20 -16.76 7.54
C VAL B 134 15.90 -16.50 6.79
N VAL B 135 15.95 -16.45 5.46
CA VAL B 135 14.77 -16.11 4.64
C VAL B 135 14.30 -17.30 3.78
N CYS B 136 12.99 -17.50 3.74
CA CYS B 136 12.35 -18.49 2.89
C CYS B 136 11.37 -17.79 1.94
N LEU B 137 11.53 -18.01 0.64
CA LEU B 137 10.67 -17.40 -0.36
C LEU B 137 9.73 -18.46 -0.96
N LEU B 138 8.43 -18.18 -0.95
CA LEU B 138 7.38 -18.99 -1.58
C LEU B 138 6.95 -18.10 -2.75
N ASN B 139 7.29 -18.49 -3.96
CA ASN B 139 7.02 -17.64 -5.11
C ASN B 139 5.87 -18.10 -6.04
N ASN B 140 5.01 -17.16 -6.47
CA ASN B 140 3.94 -17.35 -7.48
C ASN B 140 2.98 -18.52 -7.22
N PHE B 141 2.21 -18.40 -6.18
CA PHE B 141 1.24 -19.43 -5.82
C PHE B 141 -0.16 -18.90 -5.71
N TYR B 142 -1.11 -19.81 -5.89
CA TYR B 142 -2.55 -19.54 -5.73
C TYR B 142 -3.26 -20.82 -5.27
N PRO B 143 -4.17 -20.78 -4.25
CA PRO B 143 -4.64 -19.62 -3.47
C PRO B 143 -3.66 -19.06 -2.43
N ARG B 144 -4.04 -17.96 -1.74
CA ARG B 144 -3.21 -17.28 -0.73
C ARG B 144 -2.74 -18.15 0.45
N GLU B 145 -3.58 -19.10 0.90
CA GLU B 145 -3.27 -19.98 2.04
C GLU B 145 -2.06 -20.85 1.77
N ALA B 146 -1.05 -20.78 2.65
CA ALA B 146 0.19 -21.57 2.62
C ALA B 146 0.74 -21.65 4.03
N LYS B 147 1.44 -22.74 4.35
CA LYS B 147 2.06 -22.95 5.66
C LYS B 147 3.55 -23.04 5.47
N VAL B 148 4.29 -22.30 6.29
CA VAL B 148 5.74 -22.36 6.30
C VAL B 148 6.14 -22.80 7.69
N GLN B 149 6.96 -23.85 7.76
CA GLN B 149 7.49 -24.36 9.01
C GLN B 149 9.00 -24.29 8.93
N TRP B 150 9.63 -23.72 9.95
CA TRP B 150 11.10 -23.62 10.05
C TRP B 150 11.63 -24.80 10.87
N LYS B 151 12.69 -25.45 10.37
CA LYS B 151 13.34 -26.57 11.08
C LYS B 151 14.79 -26.28 11.21
N VAL B 152 15.33 -26.42 12.43
CA VAL B 152 16.73 -26.16 12.76
C VAL B 152 17.25 -27.45 13.38
N ASP B 153 18.17 -28.12 12.65
CA ASP B 153 18.70 -29.44 13.02
C ASP B 153 17.52 -30.41 13.22
N ASN B 154 16.49 -30.25 12.35
CA ASN B 154 15.22 -31.00 12.32
C ASN B 154 14.24 -30.65 13.46
N ALA B 155 14.52 -29.58 14.24
CA ALA B 155 13.64 -29.14 15.32
C ALA B 155 12.70 -28.08 14.83
N LEU B 156 11.40 -28.36 14.90
CA LEU B 156 10.35 -27.45 14.47
C LEU B 156 10.43 -26.14 15.27
N GLN B 157 10.50 -25.00 14.57
CA GLN B 157 10.63 -23.70 15.21
C GLN B 157 9.29 -23.03 15.39
N SER B 158 9.05 -22.54 16.59
CA SER B 158 7.82 -21.83 16.91
C SER B 158 8.14 -20.38 17.26
N GLY B 159 7.34 -19.48 16.70
CA GLY B 159 7.30 -18.05 16.96
C GLY B 159 8.52 -17.16 16.87
N ASN B 160 9.60 -17.63 16.25
CA ASN B 160 10.78 -16.81 16.02
C ASN B 160 10.81 -16.43 14.53
N SER B 161 9.62 -16.50 13.87
CA SER B 161 9.48 -16.13 12.46
C SER B 161 8.35 -15.17 12.19
N GLN B 162 8.51 -14.41 11.11
CA GLN B 162 7.50 -13.48 10.68
C GLN B 162 7.36 -13.62 9.19
N GLU B 163 6.12 -13.50 8.71
CA GLU B 163 5.90 -13.59 7.28
C GLU B 163 5.17 -12.40 6.71
N SER B 164 5.38 -12.21 5.40
CA SER B 164 4.78 -11.11 4.66
C SER B 164 4.27 -11.67 3.31
N VAL B 165 3.06 -11.26 2.88
CA VAL B 165 2.50 -11.76 1.60
C VAL B 165 2.24 -10.55 0.68
N THR B 166 2.57 -10.67 -0.61
CA THR B 166 2.33 -9.62 -1.57
C THR B 166 0.83 -9.58 -1.91
N GLU B 167 0.44 -8.50 -2.56
CA GLU B 167 -0.94 -8.41 -3.05
C GLU B 167 -0.97 -9.32 -4.30
N GLN B 168 -2.15 -9.66 -4.77
CA GLN B 168 -2.28 -10.48 -5.97
C GLN B 168 -1.52 -9.83 -7.13
N ASP B 169 -0.76 -10.62 -7.89
CA ASP B 169 0.02 -10.09 -9.01
C ASP B 169 -0.90 -9.55 -10.12
N SER B 170 -0.64 -8.32 -10.59
CA SER B 170 -1.43 -7.60 -11.59
C SER B 170 -1.45 -8.25 -12.99
N LYS B 171 -0.53 -9.21 -13.27
CA LYS B 171 -0.51 -9.89 -14.57
C LYS B 171 -0.99 -11.34 -14.48
N ASP B 172 -0.49 -12.09 -13.47
CA ASP B 172 -0.79 -13.52 -13.34
C ASP B 172 -1.70 -13.96 -12.18
N SER B 173 -2.16 -12.99 -11.31
CA SER B 173 -3.07 -13.20 -10.18
C SER B 173 -2.54 -14.18 -9.08
N THR B 174 -1.21 -14.39 -9.00
CA THR B 174 -0.63 -15.25 -7.96
C THR B 174 -0.16 -14.38 -6.76
N TYR B 175 0.22 -15.07 -5.66
CA TYR B 175 0.78 -14.41 -4.49
C TYR B 175 2.19 -14.91 -4.29
N SER B 176 3.00 -14.12 -3.57
CA SER B 176 4.33 -14.57 -3.15
C SER B 176 4.39 -14.27 -1.67
N LEU B 177 5.16 -15.08 -0.93
CA LEU B 177 5.30 -14.93 0.51
C LEU B 177 6.79 -15.02 0.90
N SER B 178 7.21 -14.17 1.85
CA SER B 178 8.55 -14.24 2.42
C SER B 178 8.37 -14.54 3.90
N SER B 179 9.19 -15.44 4.43
CA SER B 179 9.18 -15.77 5.86
C SER B 179 10.62 -15.56 6.36
N THR B 180 10.78 -14.86 7.47
CA THR B 180 12.08 -14.59 8.07
C THR B 180 12.20 -15.23 9.44
N LEU B 181 13.24 -16.06 9.61
CA LEU B 181 13.59 -16.66 10.90
C LEU B 181 14.73 -15.79 11.48
N THR B 182 14.59 -15.30 12.73
CA THR B 182 15.60 -14.47 13.36
C THR B 182 16.20 -15.18 14.58
N LEU B 183 17.54 -15.25 14.63
CA LEU B 183 18.31 -15.89 15.71
C LEU B 183 19.47 -15.00 16.07
N SER B 184 20.00 -15.19 17.29
CA SER B 184 21.22 -14.49 17.68
C SER B 184 22.38 -15.18 16.94
N LYS B 185 23.52 -14.49 16.75
CA LYS B 185 24.69 -15.11 16.10
C LYS B 185 25.11 -16.39 16.85
N ALA B 186 25.16 -16.32 18.20
CA ALA B 186 25.53 -17.46 19.06
C ALA B 186 24.58 -18.64 18.83
N ASP B 187 23.24 -18.40 18.82
CA ASP B 187 22.25 -19.46 18.58
C ASP B 187 22.39 -20.09 17.21
N TYR B 188 22.60 -19.23 16.19
CA TYR B 188 22.80 -19.63 14.81
C TYR B 188 24.01 -20.54 14.63
N GLU B 189 25.16 -20.16 15.20
CA GLU B 189 26.41 -20.94 15.14
C GLU B 189 26.32 -22.31 15.84
N LYS B 190 25.36 -22.48 16.78
CA LYS B 190 25.20 -23.74 17.53
C LYS B 190 24.52 -24.89 16.75
N HIS B 191 23.97 -24.61 15.54
CA HIS B 191 23.28 -25.61 14.70
C HIS B 191 23.81 -25.67 13.27
N LYS B 192 23.56 -26.78 12.55
CA LYS B 192 24.09 -26.95 11.20
C LYS B 192 23.07 -26.84 10.08
N VAL B 193 21.93 -27.58 10.16
CA VAL B 193 20.91 -27.65 9.11
C VAL B 193 19.75 -26.69 9.28
N TYR B 194 19.59 -25.78 8.33
CA TYR B 194 18.48 -24.80 8.37
C TYR B 194 17.55 -25.09 7.21
N ALA B 195 16.27 -25.34 7.50
CA ALA B 195 15.28 -25.69 6.49
C ALA B 195 13.94 -25.00 6.64
N CYS B 196 13.31 -24.73 5.49
CA CYS B 196 11.92 -24.27 5.50
C CYS B 196 11.06 -25.27 4.76
N GLU B 197 10.03 -25.77 5.43
CA GLU B 197 9.13 -26.79 4.88
C GLU B 197 7.78 -26.14 4.52
N VAL B 198 7.32 -26.33 3.27
CA VAL B 198 6.12 -25.68 2.73
C VAL B 198 5.02 -26.65 2.38
N THR B 199 3.80 -26.32 2.82
CA THR B 199 2.54 -27.04 2.60
C THR B 199 1.65 -26.06 1.83
N HIS B 200 0.98 -26.56 0.78
CA HIS B 200 0.08 -25.75 -0.05
C HIS B 200 -0.77 -26.70 -0.86
N GLN B 201 -1.99 -26.28 -1.19
CA GLN B 201 -3.00 -27.00 -1.96
C GLN B 201 -2.46 -27.58 -3.26
N GLY B 202 -1.55 -26.84 -3.93
CA GLY B 202 -0.94 -27.30 -5.17
C GLY B 202 0.17 -28.31 -5.02
N LEU B 203 0.58 -28.63 -3.76
CA LEU B 203 1.68 -29.56 -3.47
C LEU B 203 1.18 -30.88 -2.88
N SER B 204 1.50 -32.02 -3.54
CA SER B 204 1.07 -33.38 -3.14
C SER B 204 1.81 -33.94 -1.92
N SER B 205 2.84 -33.24 -1.49
CA SER B 205 3.65 -33.60 -0.33
C SER B 205 4.25 -32.26 0.13
N PRO B 206 4.80 -32.15 1.37
CA PRO B 206 5.49 -30.91 1.76
C PRO B 206 6.75 -30.75 0.93
N VAL B 207 7.16 -29.49 0.70
CA VAL B 207 8.38 -29.22 -0.04
C VAL B 207 9.36 -28.54 0.93
N THR B 208 10.57 -29.07 1.01
CA THR B 208 11.61 -28.56 1.90
C THR B 208 12.81 -28.08 1.11
N LYS B 209 13.30 -26.91 1.50
CA LYS B 209 14.53 -26.33 0.96
C LYS B 209 15.46 -26.14 2.14
N SER B 210 16.72 -26.54 1.99
CA SER B 210 17.65 -26.41 3.12
C SER B 210 19.04 -26.01 2.69
N PHE B 211 19.88 -25.79 3.68
CA PHE B 211 21.31 -25.51 3.54
C PHE B 211 21.97 -25.92 4.85
N ASN B 212 23.27 -26.16 4.78
CA ASN B 212 24.09 -26.47 5.93
C ASN B 212 24.91 -25.22 6.24
N ARG B 213 24.85 -24.75 7.50
CA ARG B 213 25.58 -23.57 7.98
C ARG B 213 27.07 -23.69 7.61
N GLY B 214 27.57 -22.60 7.04
CA GLY B 214 28.94 -22.49 6.56
C GLY B 214 28.99 -22.81 5.08
N GLU B 215 29.15 -24.11 4.77
CA GLU B 215 29.23 -24.70 3.43
C GLU B 215 28.94 -23.78 2.22
N CYS B 216 29.91 -22.88 1.94
CA CYS B 216 29.98 -21.87 0.87
C CYS B 216 28.65 -21.21 0.47
N GLU C 1 -2.38 19.71 -17.86
CA GLU C 1 -2.19 18.48 -17.10
C GLU C 1 -2.26 18.83 -15.64
N VAL C 2 -3.25 18.25 -14.95
CA VAL C 2 -3.48 18.50 -13.51
C VAL C 2 -2.37 17.86 -12.69
N GLN C 3 -1.74 18.65 -11.79
CA GLN C 3 -0.65 18.21 -10.90
C GLN C 3 -0.82 18.71 -9.48
N LEU C 4 -0.62 17.80 -8.50
CA LEU C 4 -0.72 18.03 -7.05
C LEU C 4 0.47 17.39 -6.34
N VAL C 5 1.40 18.21 -5.85
CA VAL C 5 2.60 17.69 -5.19
C VAL C 5 2.54 18.06 -3.71
N GLU C 6 2.52 17.04 -2.85
CA GLU C 6 2.48 17.13 -1.37
C GLU C 6 3.87 17.12 -0.75
N SER C 7 4.08 17.96 0.28
CA SER C 7 5.35 18.04 1.01
C SER C 7 5.06 18.15 2.50
N GLY C 8 6.10 18.02 3.32
CA GLY C 8 5.97 18.07 4.76
C GLY C 8 5.58 16.69 5.25
N GLY C 9 5.17 16.59 6.49
CA GLY C 9 4.80 15.28 7.00
C GLY C 9 6.00 14.46 7.41
N GLY C 10 5.82 13.16 7.52
CA GLY C 10 6.87 12.28 7.99
C GLY C 10 6.60 11.90 9.44
N LEU C 11 7.66 11.82 10.22
CA LEU C 11 7.63 11.41 11.63
C LEU C 11 7.43 12.61 12.55
N ALA C 12 6.69 12.40 13.65
CA ALA C 12 6.48 13.38 14.73
C ALA C 12 6.08 12.67 16.03
N GLN C 13 6.44 13.30 17.16
CA GLN C 13 6.12 12.82 18.49
C GLN C 13 4.64 13.12 18.78
N PRO C 14 3.93 12.29 19.58
CA PRO C 14 2.54 12.62 19.95
C PRO C 14 2.50 13.90 20.80
N GLY C 15 1.54 14.78 20.50
CA GLY C 15 1.41 16.08 21.14
C GLY C 15 2.05 17.18 20.32
N GLU C 16 3.01 16.83 19.47
CA GLU C 16 3.69 17.83 18.64
C GLU C 16 2.91 18.17 17.35
N SER C 17 3.51 18.99 16.47
CA SER C 17 2.89 19.42 15.22
C SER C 17 3.70 19.06 13.98
N LEU C 18 3.00 19.01 12.84
CA LEU C 18 3.56 18.80 11.51
C LEU C 18 2.68 19.67 10.60
N ARG C 19 3.20 20.11 9.46
CA ARG C 19 2.41 20.90 8.51
C ARG C 19 2.59 20.28 7.13
N LEU C 20 1.46 19.93 6.50
CA LEU C 20 1.46 19.42 5.14
C LEU C 20 1.26 20.59 4.18
N SER C 21 1.80 20.47 2.96
CA SER C 21 1.58 21.46 1.90
C SER C 21 1.24 20.70 0.63
N CYS C 22 0.41 21.29 -0.23
CA CYS C 22 0.00 20.69 -1.49
C CYS C 22 0.15 21.79 -2.54
N ALA C 23 1.10 21.62 -3.47
CA ALA C 23 1.35 22.60 -4.54
C ALA C 23 0.52 22.18 -5.77
N ALA C 24 -0.23 23.11 -6.35
CA ALA C 24 -1.07 22.79 -7.51
C ALA C 24 -0.76 23.55 -8.79
N SER C 25 -0.96 22.89 -9.94
CA SER C 25 -0.78 23.46 -11.28
C SER C 25 -1.64 22.72 -12.31
N GLY C 26 -1.73 23.30 -13.51
CA GLY C 26 -2.43 22.72 -14.64
C GLY C 26 -3.93 22.81 -14.60
N PHE C 27 -4.45 23.67 -13.72
CA PHE C 27 -5.88 23.93 -13.57
C PHE C 27 -6.14 25.26 -12.89
N ASN C 28 -7.39 25.67 -12.94
CA ASN C 28 -7.87 26.92 -12.42
C ASN C 28 -8.23 26.77 -10.93
N PHE C 29 -7.18 26.80 -10.07
CA PHE C 29 -7.20 26.67 -8.60
C PHE C 29 -8.22 27.58 -7.93
N TYR C 30 -8.47 28.76 -8.57
CA TYR C 30 -9.43 29.76 -8.10
CA TYR C 30 -9.43 29.78 -8.14
C TYR C 30 -10.88 29.25 -8.16
N THR C 31 -11.17 28.25 -9.03
CA THR C 31 -12.53 27.69 -9.16
C THR C 31 -12.73 26.33 -8.49
N TYR C 32 -11.76 25.86 -7.72
CA TYR C 32 -11.90 24.53 -7.12
C TYR C 32 -11.75 24.49 -5.62
N ALA C 33 -12.62 23.70 -4.97
CA ALA C 33 -12.46 23.40 -3.55
C ALA C 33 -11.27 22.42 -3.52
N MET C 34 -10.42 22.52 -2.49
CA MET C 34 -9.20 21.67 -2.31
C MET C 34 -9.33 20.97 -0.99
N THR C 35 -8.98 19.67 -0.95
CA THR C 35 -9.20 18.81 0.20
CA THR C 35 -9.17 18.82 0.23
C THR C 35 -7.99 17.98 0.64
N TRP C 36 -8.09 17.42 1.87
CA TRP C 36 -7.20 16.43 2.49
C TRP C 36 -8.08 15.23 2.80
N VAL C 37 -7.57 14.05 2.45
CA VAL C 37 -8.17 12.73 2.68
C VAL C 37 -7.01 11.90 3.18
N ARG C 38 -7.26 11.03 4.20
CA ARG C 38 -6.23 10.18 4.75
C ARG C 38 -6.60 8.70 4.81
N GLN C 39 -5.57 7.84 4.94
CA GLN C 39 -5.81 6.42 5.02
C GLN C 39 -4.85 5.79 6.05
N ALA C 40 -5.41 5.32 7.18
CA ALA C 40 -4.61 4.66 8.20
C ALA C 40 -4.04 3.34 7.60
N PRO C 41 -2.79 2.93 7.92
CA PRO C 41 -2.23 1.73 7.30
C PRO C 41 -3.16 0.52 7.33
N GLY C 42 -3.45 -0.01 6.15
CA GLY C 42 -4.32 -1.18 5.94
C GLY C 42 -5.80 -0.88 6.11
N LYS C 43 -6.17 0.39 6.41
CA LYS C 43 -7.56 0.80 6.62
C LYS C 43 -8.15 1.58 5.41
N GLY C 44 -9.36 2.09 5.58
CA GLY C 44 -10.08 2.74 4.50
C GLY C 44 -9.86 4.22 4.38
N LEU C 45 -10.43 4.80 3.32
CA LEU C 45 -10.35 6.26 3.06
C LEU C 45 -11.25 7.06 4.00
N GLU C 46 -10.69 8.15 4.55
CA GLU C 46 -11.39 9.10 5.44
C GLU C 46 -11.15 10.54 5.04
N TRP C 47 -12.24 11.28 4.82
CA TRP C 47 -12.16 12.71 4.50
C TRP C 47 -11.75 13.46 5.77
N VAL C 48 -10.80 14.37 5.63
CA VAL C 48 -10.21 15.12 6.74
C VAL C 48 -10.67 16.55 6.76
N SER C 49 -10.51 17.25 5.63
CA SER C 49 -10.77 18.68 5.63
C SER C 49 -10.97 19.21 4.24
N ALA C 50 -11.66 20.34 4.12
CA ALA C 50 -11.85 21.07 2.86
C ALA C 50 -11.75 22.58 3.02
N SER C 51 -11.30 23.25 1.95
CA SER C 51 -11.15 24.70 1.86
C SER C 51 -11.92 25.10 0.60
N SER C 52 -12.88 26.07 0.70
CA SER C 52 -13.62 26.54 -0.48
C SER C 52 -12.67 27.42 -1.32
N SER C 53 -12.96 27.58 -2.62
CA SER C 53 -12.07 28.31 -3.53
C SER C 53 -11.78 29.78 -3.31
N THR C 54 -12.77 30.61 -2.89
CA THR C 54 -12.56 32.06 -2.75
C THR C 54 -13.10 32.73 -1.46
N ASP C 55 -14.13 32.16 -0.77
CA ASP C 55 -14.74 32.81 0.40
C ASP C 55 -14.05 32.62 1.78
N GLY C 56 -12.96 31.85 1.79
CA GLY C 56 -12.19 31.59 3.01
C GLY C 56 -12.78 30.57 3.98
N THR C 57 -13.93 29.95 3.63
CA THR C 57 -14.61 28.97 4.50
C THR C 57 -13.84 27.64 4.56
N THR C 58 -13.83 27.01 5.77
CA THR C 58 -13.08 25.77 6.03
C THR C 58 -13.99 24.76 6.70
N TYR C 59 -13.73 23.44 6.43
CA TYR C 59 -14.57 22.31 6.87
C TYR C 59 -13.72 21.17 7.39
N TYR C 60 -14.20 20.49 8.45
CA TYR C 60 -13.42 19.44 9.10
C TYR C 60 -14.23 18.26 9.50
N ALA C 61 -13.58 17.08 9.54
CA ALA C 61 -14.18 15.86 10.06
C ALA C 61 -14.15 16.06 11.58
N ASP C 62 -15.13 15.50 12.32
CA ASP C 62 -15.20 15.61 13.78
C ASP C 62 -13.92 15.15 14.48
N SER C 63 -13.27 14.12 13.91
CA SER C 63 -12.05 13.48 14.41
C SER C 63 -10.85 14.42 14.52
N VAL C 64 -10.80 15.48 13.67
CA VAL C 64 -9.67 16.41 13.57
C VAL C 64 -9.97 17.89 13.98
N LYS C 65 -11.26 18.26 14.16
CA LYS C 65 -11.70 19.62 14.52
C LYS C 65 -10.93 20.15 15.74
N GLY C 66 -10.38 21.36 15.61
CA GLY C 66 -9.65 22.03 16.71
C GLY C 66 -8.15 21.81 16.67
N ARG C 67 -7.73 20.58 16.26
CA ARG C 67 -6.31 20.21 16.14
C ARG C 67 -5.73 20.53 14.77
N PHE C 68 -6.53 20.39 13.70
CA PHE C 68 -6.09 20.60 12.33
C PHE C 68 -6.68 21.83 11.74
N THR C 69 -5.87 22.56 10.93
CA THR C 69 -6.30 23.79 10.28
C THR C 69 -5.88 23.75 8.81
N ILE C 70 -6.86 23.81 7.91
CA ILE C 70 -6.62 23.89 6.48
C ILE C 70 -6.61 25.39 6.10
N SER C 71 -5.80 25.74 5.12
CA SER C 71 -5.73 27.13 4.65
C SER C 71 -5.19 27.07 3.27
N ARG C 72 -5.45 28.12 2.49
CA ARG C 72 -4.98 28.13 1.12
C ARG C 72 -4.45 29.46 0.73
N ASP C 73 -3.69 29.49 -0.34
CA ASP C 73 -3.18 30.74 -0.92
C ASP C 73 -3.41 30.63 -2.41
N ASN C 74 -4.52 31.25 -2.89
CA ASN C 74 -4.86 31.24 -4.31
C ASN C 74 -3.80 31.91 -5.15
N SER C 75 -3.18 32.99 -4.63
CA SER C 75 -2.11 33.74 -5.34
C SER C 75 -0.82 32.90 -5.50
N LYS C 76 -0.73 31.77 -4.77
CA LYS C 76 0.43 30.87 -4.81
C LYS C 76 0.10 29.43 -5.21
N ASN C 77 -1.22 29.09 -5.38
CA ASN C 77 -1.69 27.74 -5.77
C ASN C 77 -1.21 26.65 -4.79
N ILE C 78 -1.37 26.92 -3.50
CA ILE C 78 -0.91 26.06 -2.43
C ILE C 78 -1.99 25.87 -1.36
N LEU C 79 -2.09 24.63 -0.87
CA LEU C 79 -3.01 24.20 0.17
C LEU C 79 -2.15 23.77 1.35
N TYR C 80 -2.51 24.16 2.56
CA TYR C 80 -1.75 23.71 3.71
C TYR C 80 -2.64 22.95 4.67
N LEU C 81 -2.03 22.09 5.48
CA LEU C 81 -2.71 21.38 6.55
C LEU C 81 -1.81 21.47 7.77
N GLN C 82 -2.19 22.32 8.72
CA GLN C 82 -1.44 22.46 9.94
C GLN C 82 -2.00 21.39 10.87
N MET C 83 -1.18 20.44 11.29
CA MET C 83 -1.63 19.37 12.18
C MET C 83 -1.03 19.51 13.55
N ASN C 84 -1.80 20.04 14.49
CA ASN C 84 -1.36 20.22 15.89
C ASN C 84 -1.85 19.06 16.77
N SER C 85 -1.25 18.94 18.00
CA SER C 85 -1.59 17.92 19.00
C SER C 85 -1.83 16.53 18.34
N LEU C 86 -0.79 16.04 17.64
CA LEU C 86 -0.83 14.76 16.92
C LEU C 86 -1.03 13.58 17.87
N LYS C 87 -1.81 12.59 17.42
CA LYS C 87 -2.16 11.37 18.16
C LYS C 87 -1.80 10.17 17.27
N ALA C 88 -1.67 8.97 17.88
CA ALA C 88 -1.39 7.72 17.16
C ALA C 88 -2.42 7.44 16.06
N GLU C 89 -3.71 7.79 16.28
CA GLU C 89 -4.84 7.66 15.35
C GLU C 89 -4.65 8.54 14.10
N ASP C 90 -3.76 9.57 14.18
CA ASP C 90 -3.46 10.42 13.03
C ASP C 90 -2.45 9.77 12.06
N THR C 91 -1.76 8.66 12.49
CA THR C 91 -0.82 7.92 11.64
C THR C 91 -1.58 7.45 10.42
N ALA C 92 -1.16 7.93 9.23
CA ALA C 92 -1.84 7.64 7.97
C ALA C 92 -1.11 8.27 6.80
N THR C 93 -1.51 7.84 5.57
CA THR C 93 -1.04 8.40 4.32
C THR C 93 -2.04 9.51 4.06
N TYR C 94 -1.54 10.70 3.80
CA TYR C 94 -2.39 11.86 3.56
C TYR C 94 -2.30 12.23 2.10
N TYR C 95 -3.47 12.42 1.48
CA TYR C 95 -3.59 12.82 0.09
C TYR C 95 -4.20 14.19 0.01
N CYS C 96 -3.72 15.00 -0.92
CA CYS C 96 -4.44 16.22 -1.18
C CYS C 96 -5.20 15.98 -2.48
N ALA C 97 -6.46 16.41 -2.48
CA ALA C 97 -7.28 16.13 -3.62
C ALA C 97 -8.10 17.32 -4.01
N ARG C 98 -8.23 17.48 -5.30
CA ARG C 98 -9.06 18.49 -5.91
C ARG C 98 -10.49 17.94 -5.90
N ALA C 99 -11.45 18.73 -5.38
CA ALA C 99 -12.83 18.30 -5.31
C ALA C 99 -13.72 19.02 -6.27
N VAL C 100 -14.84 18.36 -6.63
CA VAL C 100 -15.88 18.91 -7.48
C VAL C 100 -17.19 18.87 -6.66
N VAL C 101 -17.82 20.06 -6.46
CA VAL C 101 -19.05 20.24 -5.66
C VAL C 101 -20.13 20.78 -6.60
N PHE C 102 -21.32 20.11 -6.69
CA PHE C 102 -22.34 20.50 -7.67
C PHE C 102 -23.64 21.19 -7.34
N THR C 103 -24.03 22.05 -8.33
CA THR C 103 -25.21 22.87 -8.56
C THR C 103 -26.51 22.25 -8.06
N ASP C 104 -26.96 22.75 -6.92
CA ASP C 104 -28.16 22.35 -6.19
C ASP C 104 -29.03 23.61 -5.87
N SER C 105 -30.31 23.63 -6.33
CA SER C 105 -31.25 24.74 -6.14
C SER C 105 -31.28 25.25 -4.67
N SER C 106 -31.43 24.29 -3.74
CA SER C 106 -31.37 24.47 -2.28
C SER C 106 -30.25 23.49 -1.83
N ALA C 107 -30.02 23.34 -0.50
CA ALA C 107 -29.02 22.40 0.00
C ALA C 107 -29.62 20.98 0.11
N TYR C 108 -29.21 20.15 1.10
CA TYR C 108 -29.72 18.78 1.36
C TYR C 108 -29.36 17.76 0.26
N TYR C 109 -29.16 18.22 -1.00
CA TYR C 109 -28.79 17.42 -2.18
C TYR C 109 -27.34 17.77 -2.55
N TYR C 110 -26.41 16.81 -2.48
CA TYR C 110 -25.01 17.11 -2.81
C TYR C 110 -24.28 16.04 -3.58
N SER C 111 -23.45 16.47 -4.54
CA SER C 111 -22.57 15.64 -5.34
C SER C 111 -21.15 16.17 -5.18
N LYS C 112 -20.37 15.57 -4.25
CA LYS C 112 -18.99 15.94 -4.00
C LYS C 112 -18.11 14.74 -4.35
N TYR C 113 -17.13 14.96 -5.22
CA TYR C 113 -16.19 13.92 -5.65
C TYR C 113 -14.76 14.45 -5.79
N PHE C 114 -13.74 13.57 -5.66
CA PHE C 114 -12.32 13.91 -5.74
C PHE C 114 -11.78 13.37 -7.07
N ASP C 115 -11.59 14.26 -8.06
CA ASP C 115 -11.22 13.86 -9.41
C ASP C 115 -9.74 13.74 -9.70
N TYR C 116 -8.91 14.39 -8.88
CA TYR C 116 -7.47 14.29 -8.97
C TYR C 116 -6.91 14.19 -7.58
N TRP C 117 -5.94 13.29 -7.38
CA TRP C 117 -5.31 13.01 -6.08
C TRP C 117 -3.81 13.13 -6.16
N SER C 118 -3.18 13.60 -5.08
CA SER C 118 -1.70 13.62 -5.02
C SER C 118 -1.20 12.18 -4.83
N GLN C 119 0.13 11.96 -4.89
CA GLN C 119 0.70 10.62 -4.67
C GLN C 119 0.52 10.13 -3.22
N GLY C 120 0.39 11.07 -2.28
CA GLY C 120 0.23 10.72 -0.88
C GLY C 120 1.53 10.72 -0.07
N THR C 121 1.44 11.23 1.16
CA THR C 121 2.54 11.32 2.11
C THR C 121 2.21 10.64 3.43
N LEU C 122 3.13 9.81 3.89
CA LEU C 122 2.93 9.10 5.17
C LEU C 122 3.26 9.97 6.37
N VAL C 123 2.32 10.02 7.33
CA VAL C 123 2.51 10.73 8.58
C VAL C 123 2.54 9.65 9.65
N THR C 124 3.67 9.54 10.38
CA THR C 124 3.79 8.56 11.46
C THR C 124 3.82 9.36 12.76
N VAL C 125 2.94 9.04 13.73
CA VAL C 125 2.91 9.69 15.05
C VAL C 125 3.44 8.63 16.06
N SER C 126 4.69 8.82 16.55
CA SER C 126 5.35 7.86 17.43
C SER C 126 6.45 8.49 18.25
N SER C 127 6.72 7.89 19.41
CA SER C 127 7.80 8.24 20.33
C SER C 127 9.12 7.61 19.82
N ALA C 128 9.06 6.61 18.89
CA ALA C 128 10.24 5.92 18.35
C ALA C 128 11.08 6.82 17.45
N SER C 129 12.41 6.61 17.49
CA SER C 129 13.40 7.42 16.77
C SER C 129 13.74 6.89 15.38
N THR C 130 14.09 7.82 14.45
CA THR C 130 14.50 7.49 13.08
C THR C 130 15.76 6.58 13.10
N LYS C 131 15.72 5.53 12.28
CA LYS C 131 16.86 4.60 12.16
C LYS C 131 16.97 4.20 10.71
N GLY C 132 18.19 4.32 10.18
CA GLY C 132 18.47 3.91 8.82
C GLY C 132 18.58 2.40 8.73
N PRO C 133 18.20 1.77 7.62
CA PRO C 133 18.31 0.32 7.56
C PRO C 133 19.69 -0.22 7.21
N SER C 134 19.86 -1.52 7.46
CA SER C 134 21.01 -2.29 7.05
C SER C 134 20.52 -3.06 5.81
N VAL C 135 21.40 -3.26 4.82
CA VAL C 135 21.04 -3.93 3.58
C VAL C 135 21.92 -5.14 3.39
N PHE C 136 21.31 -6.34 3.49
CA PHE C 136 22.09 -7.56 3.35
C PHE C 136 21.69 -8.33 2.11
N PRO C 137 22.67 -8.99 1.45
CA PRO C 137 22.31 -9.76 0.25
C PRO C 137 21.57 -11.04 0.62
N LEU C 138 20.66 -11.47 -0.27
CA LEU C 138 19.97 -12.76 -0.13
C LEU C 138 20.43 -13.54 -1.37
N ALA C 139 21.19 -14.61 -1.17
CA ALA C 139 21.71 -15.39 -2.30
C ALA C 139 21.65 -16.89 -1.99
N PRO C 140 21.53 -17.79 -2.99
CA PRO C 140 21.57 -19.24 -2.67
C PRO C 140 22.98 -19.67 -2.18
N SER C 141 23.04 -20.69 -1.27
CA SER C 141 24.30 -21.26 -0.78
C SER C 141 25.16 -21.84 -1.92
N GLY C 147 17.24 -25.74 -9.12
CA GLY C 147 17.15 -26.19 -10.50
C GLY C 147 17.56 -25.12 -11.49
N GLY C 148 16.69 -24.89 -12.49
CA GLY C 148 16.89 -23.89 -13.54
C GLY C 148 16.76 -22.45 -13.07
N THR C 149 15.81 -22.18 -12.15
CA THR C 149 15.55 -20.85 -11.60
C THR C 149 16.24 -20.63 -10.25
N ALA C 150 16.93 -19.51 -10.13
CA ALA C 150 17.62 -19.05 -8.93
C ALA C 150 16.82 -17.85 -8.38
N ALA C 151 16.84 -17.62 -7.06
CA ALA C 151 16.22 -16.43 -6.48
C ALA C 151 17.34 -15.59 -5.83
N LEU C 152 17.24 -14.29 -5.93
CA LEU C 152 18.23 -13.40 -5.31
C LEU C 152 17.43 -12.32 -4.61
N GLY C 153 18.06 -11.59 -3.72
CA GLY C 153 17.35 -10.53 -3.02
C GLY C 153 18.18 -9.66 -2.09
N CYS C 154 17.48 -8.78 -1.39
CA CYS C 154 18.03 -7.88 -0.38
C CYS C 154 17.08 -7.84 0.76
N LEU C 155 17.62 -7.98 1.97
CA LEU C 155 16.91 -7.84 3.22
C LEU C 155 17.27 -6.44 3.76
N VAL C 156 16.23 -5.61 3.92
CA VAL C 156 16.31 -4.21 4.39
C VAL C 156 15.85 -4.29 5.83
N LYS C 157 16.79 -4.43 6.75
CA LYS C 157 16.49 -4.69 8.15
C LYS C 157 16.69 -3.53 9.09
N ASP C 158 15.82 -3.44 10.09
CA ASP C 158 15.89 -2.48 11.21
C ASP C 158 15.81 -1.03 10.80
N TYR C 159 14.65 -0.61 10.30
CA TYR C 159 14.43 0.80 9.96
C TYR C 159 13.18 1.34 10.61
N PHE C 160 13.11 2.66 10.69
CA PHE C 160 11.99 3.42 11.23
C PHE C 160 12.09 4.89 10.81
N PRO C 161 10.98 5.56 10.39
CA PRO C 161 9.64 5.01 10.18
C PRO C 161 9.58 4.35 8.80
N GLU C 162 8.38 3.96 8.35
CA GLU C 162 8.21 3.51 6.99
C GLU C 162 8.29 4.82 6.14
N PRO C 163 8.57 4.80 4.84
CA PRO C 163 8.69 3.63 3.95
C PRO C 163 10.08 3.50 3.39
N VAL C 164 10.32 2.37 2.71
CA VAL C 164 11.54 2.17 1.95
C VAL C 164 11.12 1.83 0.53
N THR C 165 11.98 2.12 -0.43
CA THR C 165 11.77 1.77 -1.82
C THR C 165 12.97 0.95 -2.25
N VAL C 166 12.71 0.00 -3.17
CA VAL C 166 13.74 -0.86 -3.72
C VAL C 166 13.56 -0.95 -5.23
N SER C 167 14.65 -0.82 -6.01
CA SER C 167 14.69 -1.11 -7.45
C SER C 167 15.82 -2.11 -7.64
N TRP C 168 15.94 -2.67 -8.85
CA TRP C 168 17.01 -3.60 -9.20
C TRP C 168 17.68 -3.14 -10.48
N ASN C 169 19.03 -3.22 -10.52
CA ASN C 169 19.82 -2.82 -11.69
C ASN C 169 19.45 -1.44 -12.20
N SER C 170 19.17 -0.52 -11.24
CA SER C 170 18.78 0.88 -11.49
C SER C 170 17.47 1.03 -12.26
N GLY C 171 16.57 0.08 -12.10
CA GLY C 171 15.26 0.13 -12.75
C GLY C 171 15.19 -0.66 -14.03
N ALA C 172 16.34 -1.15 -14.53
CA ALA C 172 16.42 -1.96 -15.76
C ALA C 172 15.86 -3.37 -15.55
N LEU C 173 15.85 -3.86 -14.30
CA LEU C 173 15.30 -5.17 -13.94
C LEU C 173 13.99 -5.00 -13.15
N THR C 174 12.85 -5.30 -13.80
CA THR C 174 11.52 -5.17 -13.19
C THR C 174 10.71 -6.49 -13.16
N SER C 175 10.96 -7.38 -14.15
CA SER C 175 10.28 -8.66 -14.26
C SER C 175 10.78 -9.64 -13.18
N GLY C 176 9.84 -10.27 -12.50
CA GLY C 176 10.12 -11.22 -11.42
C GLY C 176 10.44 -10.59 -10.08
N VAL C 177 10.32 -9.27 -9.97
CA VAL C 177 10.62 -8.54 -8.73
C VAL C 177 9.45 -8.60 -7.76
N HIS C 178 9.74 -9.02 -6.51
CA HIS C 178 8.73 -8.96 -5.45
C HIS C 178 9.29 -8.18 -4.25
N THR C 179 8.74 -7.01 -3.98
CA THR C 179 9.13 -6.24 -2.81
C THR C 179 8.02 -6.43 -1.83
N PHE C 180 8.32 -7.11 -0.74
CA PHE C 180 7.33 -7.50 0.25
C PHE C 180 6.87 -6.36 1.15
N PRO C 181 5.60 -6.38 1.61
CA PRO C 181 5.19 -5.42 2.64
C PRO C 181 6.09 -5.58 3.87
N ALA C 182 6.41 -4.46 4.49
CA ALA C 182 7.19 -4.39 5.72
C ALA C 182 6.45 -5.13 6.83
N VAL C 183 7.21 -5.78 7.71
CA VAL C 183 6.71 -6.41 8.93
C VAL C 183 7.32 -5.63 10.07
N LEU C 184 6.55 -5.30 11.12
CA LEU C 184 7.13 -4.65 12.28
C LEU C 184 7.59 -5.72 13.22
N GLN C 185 8.89 -5.69 13.56
CA GLN C 185 9.51 -6.66 14.46
C GLN C 185 9.17 -6.25 15.88
N SER C 186 9.37 -7.18 16.84
CA SER C 186 9.11 -6.95 18.25
C SER C 186 9.98 -5.83 18.84
N SER C 187 11.10 -5.53 18.17
CA SER C 187 12.01 -4.44 18.54
C SER C 187 11.41 -3.03 18.27
N GLY C 188 10.34 -2.96 17.47
CA GLY C 188 9.70 -1.70 17.08
C GLY C 188 10.32 -1.13 15.82
N LEU C 189 11.05 -1.96 15.09
CA LEU C 189 11.72 -1.57 13.84
C LEU C 189 11.17 -2.40 12.72
N TYR C 190 11.04 -1.81 11.53
CA TYR C 190 10.55 -2.56 10.36
C TYR C 190 11.66 -3.31 9.68
N SER C 191 11.26 -4.31 8.91
CA SER C 191 12.15 -5.10 8.11
C SER C 191 11.37 -5.47 6.88
N LEU C 192 12.04 -5.53 5.75
CA LEU C 192 11.40 -5.98 4.53
C LEU C 192 12.37 -6.68 3.60
N SER C 193 11.88 -7.56 2.73
CA SER C 193 12.75 -8.16 1.75
C SER C 193 12.24 -7.85 0.32
N SER C 194 13.18 -7.78 -0.61
CA SER C 194 12.94 -7.60 -2.03
C SER C 194 13.68 -8.72 -2.71
N VAL C 195 12.97 -9.43 -3.60
CA VAL C 195 13.51 -10.58 -4.30
C VAL C 195 13.25 -10.49 -5.77
N VAL C 196 14.03 -11.26 -6.53
CA VAL C 196 13.96 -11.42 -7.97
C VAL C 196 14.40 -12.84 -8.30
N THR C 197 13.69 -13.47 -9.26
CA THR C 197 14.04 -14.81 -9.73
C THR C 197 14.79 -14.60 -11.01
N VAL C 198 15.81 -15.40 -11.23
CA VAL C 198 16.67 -15.26 -12.40
C VAL C 198 17.07 -16.66 -12.87
N PRO C 199 17.48 -16.84 -14.13
CA PRO C 199 17.99 -18.17 -14.53
C PRO C 199 19.26 -18.46 -13.74
N SER C 200 19.44 -19.69 -13.20
CA SER C 200 20.64 -20.11 -12.46
C SER C 200 21.91 -19.89 -13.30
N SER C 201 21.86 -20.11 -14.62
CA SER C 201 22.99 -19.93 -15.54
C SER C 201 23.47 -18.47 -15.76
N SER C 202 22.77 -17.47 -15.19
CA SER C 202 23.11 -16.03 -15.33
C SER C 202 23.93 -15.52 -14.16
N LEU C 203 23.95 -16.27 -13.04
CA LEU C 203 24.74 -15.97 -11.84
C LEU C 203 26.21 -16.01 -12.21
N GLY C 204 26.95 -14.97 -11.83
CA GLY C 204 28.37 -14.83 -12.13
C GLY C 204 28.69 -14.53 -13.58
N THR C 205 27.67 -14.03 -14.31
CA THR C 205 27.68 -13.66 -15.72
C THR C 205 26.93 -12.32 -15.83
N GLN C 206 25.80 -12.24 -15.13
CA GLN C 206 24.93 -11.07 -15.03
C GLN C 206 24.99 -10.59 -13.56
N THR C 207 25.39 -9.32 -13.38
CA THR C 207 25.47 -8.68 -12.07
C THR C 207 24.06 -8.22 -11.67
N TYR C 208 23.64 -8.50 -10.41
CA TYR C 208 22.33 -8.07 -9.87
C TYR C 208 22.54 -7.23 -8.61
N ILE C 209 22.06 -5.97 -8.64
CA ILE C 209 22.26 -5.00 -7.56
C ILE C 209 20.91 -4.37 -7.16
N CYS C 210 20.56 -4.40 -5.86
CA CYS C 210 19.36 -3.78 -5.32
C CYS C 210 19.71 -2.37 -4.90
N ASN C 211 18.82 -1.43 -5.20
CA ASN C 211 19.05 -0.02 -4.88
C ASN C 211 18.02 0.32 -3.86
N VAL C 212 18.47 0.59 -2.66
CA VAL C 212 17.57 0.83 -1.55
C VAL C 212 17.61 2.28 -1.21
N ASN C 213 16.45 2.83 -0.87
CA ASN C 213 16.32 4.20 -0.44
C ASN C 213 15.34 4.28 0.73
N HIS C 214 15.81 4.86 1.84
CA HIS C 214 15.04 5.18 3.04
C HIS C 214 15.24 6.69 3.19
N LYS C 215 14.39 7.44 2.46
CA LYS C 215 14.35 8.91 2.43
C LYS C 215 14.25 9.49 3.88
N PRO C 216 13.45 8.89 4.84
CA PRO C 216 13.41 9.45 6.23
C PRO C 216 14.73 9.57 6.99
N SER C 217 15.69 8.70 6.70
CA SER C 217 17.01 8.75 7.33
C SER C 217 18.03 9.22 6.31
N ASN C 218 17.62 9.59 5.07
CA ASN C 218 18.52 9.96 3.97
C ASN C 218 19.49 8.81 3.63
N THR C 219 19.05 7.56 3.78
CA THR C 219 19.89 6.40 3.45
C THR C 219 19.61 5.97 2.03
N LYS C 220 20.68 5.78 1.25
CA LYS C 220 20.61 5.29 -0.12
C LYS C 220 21.74 4.29 -0.27
N VAL C 221 21.40 3.00 -0.48
CA VAL C 221 22.38 1.90 -0.55
C VAL C 221 22.23 1.09 -1.85
N ASP C 222 23.37 0.69 -2.46
CA ASP C 222 23.41 -0.23 -3.60
C ASP C 222 24.13 -1.49 -3.08
N LYS C 223 23.47 -2.65 -3.12
CA LYS C 223 24.06 -3.90 -2.63
C LYS C 223 24.06 -4.97 -3.69
N LYS C 224 25.22 -5.54 -4.00
CA LYS C 224 25.31 -6.61 -4.99
C LYS C 224 24.79 -7.91 -4.32
N ALA C 225 23.81 -8.60 -4.98
CA ALA C 225 23.25 -9.86 -4.51
C ALA C 225 23.84 -10.97 -5.41
N GLU C 226 24.85 -11.68 -4.89
CA GLU C 226 25.55 -12.76 -5.59
C GLU C 226 25.89 -13.88 -4.59
N PRO C 227 26.10 -15.16 -5.03
CA PRO C 227 26.44 -16.22 -4.07
C PRO C 227 27.79 -15.97 -3.41
N LYS C 228 27.98 -16.53 -2.18
CA LYS C 228 29.22 -16.39 -1.42
C LYS C 228 30.38 -17.00 -2.20
N SER C 229 31.47 -16.22 -2.36
CA SER C 229 32.68 -16.59 -3.10
C SER C 229 33.35 -17.86 -2.54
N CYS C 230 34.02 -18.63 -3.42
CA CYS C 230 34.72 -19.87 -3.07
C CYS C 230 36.07 -19.99 -3.76
#